data_4D3W
#
_entry.id   4D3W
#
_cell.length_a   55.010
_cell.length_b   55.010
_cell.length_c   139.750
_cell.angle_alpha   90.00
_cell.angle_beta   90.00
_cell.angle_gamma   90.00
#
_symmetry.space_group_name_H-M   'P 41 21 2'
#
loop_
_entity.id
_entity.type
_entity.pdbx_description
1 polymer 'EPITHELIAL ADHESIN 1'
2 branched beta-D-galactopyranose-(1-3)-2-acetamido-2-deoxy-beta-D-galactopyranose
3 non-polymer 'CALCIUM ION'
4 non-polymer GLYCEROL
5 water water
#
_entity_poly.entity_id   1
_entity_poly.type   'polypeptide(L)'
_entity_poly.pdbx_seq_one_letter_code
;MGSSHHHHHHSSGLVPRGSHMTSSNDISLASKDPTTFPLGCSPDITTPKKGLSMELYSYDFRKKGSYPCWDAAYLDPNYP
RTGYKSHRLLAKVDGVTGNINFYYHATKGCTPQLGHLPASYNYPKPLTMTNFTMLLYGYFRPKVTGFHTFTISADDLLFV
NFGAGNAFDCCRRDSSADHFGNYQAYAIWGSKTAKDELTVHLDAGVYYPIRLFYNNREYDGALSFTFKTESNENTVSDFS
EYFFSLDDTEEGCPGLISYDSS
;
_entity_poly.pdbx_strand_id   A
#
# COMPACT_ATOMS: atom_id res chain seq x y z
N SER A 31 9.48 -9.85 15.97
CA SER A 31 8.35 -10.38 15.15
C SER A 31 7.79 -9.28 14.28
N LYS A 32 7.50 -8.13 14.88
CA LYS A 32 6.84 -7.05 14.11
C LYS A 32 7.84 -6.13 13.46
N ASP A 33 9.12 -6.26 13.79
CA ASP A 33 10.07 -5.29 13.31
C ASP A 33 10.42 -5.48 11.83
N PRO A 34 10.76 -4.39 11.16
CA PRO A 34 11.19 -4.57 9.77
C PRO A 34 12.48 -5.40 9.74
N THR A 35 12.66 -6.15 8.68
CA THR A 35 13.79 -7.04 8.54
C THR A 35 14.06 -7.28 7.07
N THR A 36 15.32 -7.55 6.77
CA THR A 36 15.74 -8.00 5.43
C THR A 36 15.27 -9.42 5.10
N PHE A 37 14.92 -10.20 6.11
CA PHE A 37 14.47 -11.59 5.92
C PHE A 37 13.05 -11.75 6.48
N PRO A 38 12.07 -11.13 5.82
CA PRO A 38 10.71 -11.18 6.32
C PRO A 38 10.20 -12.62 6.37
N LEU A 39 9.35 -12.88 7.35
CA LEU A 39 8.66 -14.16 7.47
C LEU A 39 7.50 -14.23 6.52
N GLY A 40 7.27 -15.40 5.99
CA GLY A 40 6.18 -15.66 5.12
C GLY A 40 5.24 -16.76 5.61
N CYS A 41 4.30 -17.10 4.74
CA CYS A 41 3.17 -17.94 5.13
C CYS A 41 3.02 -19.10 4.16
N SER A 42 2.42 -20.17 4.69
CA SER A 42 2.26 -21.44 3.97
C SER A 42 0.79 -21.86 4.07
N PRO A 43 -0.06 -21.29 3.22
CA PRO A 43 -1.49 -21.62 3.30
C PRO A 43 -1.78 -23.04 2.80
N ASP A 44 -2.87 -23.62 3.29
CA ASP A 44 -3.26 -24.96 2.89
C ASP A 44 -4.40 -24.84 1.87
N ILE A 45 -4.05 -24.26 0.73
CA ILE A 45 -5.02 -23.83 -0.28
C ILE A 45 -4.48 -24.11 -1.67
N THR A 46 -5.26 -24.83 -2.47
CA THR A 46 -4.82 -25.25 -3.79
C THR A 46 -4.84 -24.11 -4.81
N THR A 47 -5.79 -23.17 -4.69
CA THR A 47 -5.84 -21.99 -5.57
C THR A 47 -6.14 -20.69 -4.80
N PRO A 48 -5.13 -19.82 -4.62
CA PRO A 48 -5.41 -18.56 -3.93
C PRO A 48 -6.21 -17.61 -4.83
N LYS A 49 -6.82 -16.60 -4.22
CA LYS A 49 -7.58 -15.57 -4.93
C LYS A 49 -6.62 -14.52 -5.49
N LYS A 50 -6.82 -14.10 -6.73
CA LYS A 50 -5.94 -13.12 -7.38
C LYS A 50 -6.17 -11.71 -6.81
N GLY A 51 -5.06 -11.01 -6.59
CA GLY A 51 -5.12 -9.57 -6.27
C GLY A 51 -5.15 -9.26 -4.79
N LEU A 52 -4.90 -7.99 -4.49
CA LEU A 52 -5.04 -7.46 -3.16
C LEU A 52 -6.45 -6.91 -2.94
N SER A 53 -6.77 -6.71 -1.67
CA SER A 53 -7.98 -6.00 -1.27
C SER A 53 -7.65 -4.53 -1.09
N MET A 54 -8.63 -3.68 -1.39
N MET A 54 -8.65 -3.69 -1.29
CA MET A 54 -8.49 -2.21 -1.27
CA MET A 54 -8.48 -2.25 -1.20
C MET A 54 -9.65 -1.61 -0.48
C MET A 54 -9.65 -1.59 -0.48
N GLU A 55 -9.31 -0.65 0.39
CA GLU A 55 -10.30 0.22 1.01
C GLU A 55 -9.93 1.67 0.65
N LEU A 56 -10.91 2.45 0.26
CA LEU A 56 -10.73 3.87 0.00
C LEU A 56 -11.45 4.69 1.01
N TYR A 57 -10.83 5.78 1.43
CA TYR A 57 -11.37 6.69 2.41
C TYR A 57 -11.29 8.14 1.95
N SER A 58 -12.22 8.94 2.44
CA SER A 58 -12.16 10.37 2.19
CA SER A 58 -12.18 10.37 2.21
C SER A 58 -11.03 11.02 2.99
N TYR A 59 -10.62 12.18 2.53
CA TYR A 59 -9.65 13.00 3.24
C TYR A 59 -9.99 14.46 2.95
N ASP A 60 -10.38 15.21 3.95
CA ASP A 60 -10.87 16.56 3.78
C ASP A 60 -9.77 17.60 3.75
N PHE A 61 -10.08 18.73 3.13
CA PHE A 61 -9.30 19.95 3.35
C PHE A 61 -9.70 20.56 4.70
N ARG A 62 -8.89 21.48 5.19
CA ARG A 62 -9.27 22.34 6.33
C ARG A 62 -10.29 23.38 5.85
N LYS A 63 -10.91 24.12 6.77
CA LYS A 63 -11.95 25.04 6.33
C LYS A 63 -11.38 26.18 5.47
N LYS A 64 -12.22 26.76 4.61
CA LYS A 64 -11.79 27.84 3.74
C LYS A 64 -11.23 28.99 4.59
N GLY A 65 -10.14 29.58 4.12
CA GLY A 65 -9.43 30.62 4.84
C GLY A 65 -8.28 30.06 5.63
N SER A 66 -8.17 28.72 5.71
CA SER A 66 -6.99 28.08 6.34
C SER A 66 -5.74 28.15 5.46
N TYR A 67 -4.58 28.38 6.11
CA TYR A 67 -3.31 28.43 5.42
CA TYR A 67 -3.30 28.43 5.43
C TYR A 67 -2.28 27.54 6.13
N PRO A 68 -1.85 26.45 5.50
CA PRO A 68 -2.26 25.92 4.21
C PRO A 68 -3.69 25.40 4.22
N CYS A 69 -4.25 25.22 3.03
CA CYS A 69 -5.60 24.69 2.87
C CYS A 69 -5.75 23.24 3.28
N TRP A 70 -4.68 22.47 3.14
CA TRP A 70 -4.69 21.07 3.42
C TRP A 70 -4.48 20.84 4.94
N ASP A 71 -4.83 19.65 5.40
CA ASP A 71 -4.76 19.24 6.80
C ASP A 71 -3.49 18.38 6.94
N ALA A 72 -2.69 18.64 7.96
CA ALA A 72 -1.51 17.83 8.25
C ALA A 72 -1.83 16.50 8.94
N ALA A 73 -3.10 16.15 9.12
CA ALA A 73 -3.48 14.92 9.81
C ALA A 73 -2.90 13.70 9.16
N TYR A 74 -2.66 13.74 7.87
CA TYR A 74 -2.11 12.60 7.15
C TYR A 74 -0.74 12.17 7.66
N LEU A 75 -0.04 13.08 8.34
CA LEU A 75 1.27 12.80 8.92
C LEU A 75 1.21 12.62 10.44
N ASP A 76 0.02 12.66 11.03
CA ASP A 76 -0.18 12.26 12.45
CA ASP A 76 -0.17 12.26 12.44
C ASP A 76 0.32 10.81 12.53
N PRO A 77 1.08 10.48 13.58
CA PRO A 77 1.61 9.10 13.63
C PRO A 77 0.51 8.02 13.68
N ASN A 78 -0.65 8.36 14.23
N ASN A 78 -0.65 8.39 14.20
CA ASN A 78 -1.77 7.41 14.25
CA ASN A 78 -1.79 7.47 14.26
C ASN A 78 -2.58 7.36 12.97
C ASN A 78 -2.59 7.37 12.98
N TYR A 79 -2.33 8.26 12.03
CA TYR A 79 -3.23 8.34 10.88
C TYR A 79 -3.27 7.02 10.08
N PRO A 80 -2.11 6.39 9.82
CA PRO A 80 -2.16 5.13 9.04
C PRO A 80 -2.65 3.91 9.80
N ARG A 81 -2.85 4.05 11.11
CA ARG A 81 -3.29 2.92 11.94
C ARG A 81 -4.77 3.02 12.28
N THR A 82 -5.21 4.19 12.75
CA THR A 82 -6.58 4.42 13.13
C THR A 82 -7.24 5.69 12.59
N GLY A 83 -6.44 6.73 12.37
CA GLY A 83 -6.99 8.04 12.02
C GLY A 83 -7.72 8.00 10.71
N TYR A 84 -7.27 7.20 9.76
CA TYR A 84 -7.96 7.15 8.46
C TYR A 84 -9.41 6.68 8.54
N LYS A 85 -9.69 5.89 9.57
CA LYS A 85 -11.06 5.39 9.84
C LYS A 85 -11.96 6.39 10.50
N SER A 86 -11.49 7.58 10.79
CA SER A 86 -12.39 8.62 11.34
C SER A 86 -13.07 9.33 10.18
N HIS A 87 -12.67 8.94 8.96
CA HIS A 87 -13.27 9.45 7.77
C HIS A 87 -14.17 8.37 7.13
N ARG A 88 -14.91 8.82 6.14
CA ARG A 88 -15.88 8.03 5.40
C ARG A 88 -15.20 6.90 4.65
N LEU A 89 -15.62 5.65 4.88
CA LEU A 89 -15.22 4.54 3.98
C LEU A 89 -15.97 4.69 2.67
N LEU A 90 -15.24 4.94 1.58
CA LEU A 90 -15.80 5.20 0.28
C LEU A 90 -16.09 3.92 -0.52
N ALA A 91 -15.18 2.95 -0.46
CA ALA A 91 -15.26 1.76 -1.27
C ALA A 91 -14.44 0.65 -0.64
N LYS A 92 -14.87 -0.58 -0.84
CA LYS A 92 -14.11 -1.75 -0.43
C LYS A 92 -14.21 -2.72 -1.56
N VAL A 93 -13.06 -3.07 -2.15
CA VAL A 93 -13.05 -3.98 -3.28
C VAL A 93 -11.92 -4.98 -3.21
N ASP A 94 -12.07 -6.02 -4.03
CA ASP A 94 -11.09 -7.10 -4.16
C ASP A 94 -10.48 -7.12 -5.55
N GLY A 95 -9.44 -7.92 -5.76
CA GLY A 95 -8.90 -8.15 -7.08
C GLY A 95 -7.99 -7.10 -7.66
N VAL A 96 -7.38 -6.30 -6.79
CA VAL A 96 -6.46 -5.27 -7.24
C VAL A 96 -5.12 -5.90 -7.63
N THR A 97 -4.73 -5.78 -8.88
CA THR A 97 -3.45 -6.29 -9.36
C THR A 97 -3.16 -5.75 -10.73
N GLY A 98 -2.02 -6.09 -11.30
CA GLY A 98 -1.54 -5.47 -12.51
C GLY A 98 -0.61 -4.35 -12.16
N ASN A 99 -0.57 -3.31 -13.00
CA ASN A 99 0.26 -2.14 -12.78
C ASN A 99 -0.54 -1.15 -11.96
N ILE A 100 -0.08 -0.86 -10.72
CA ILE A 100 -0.86 -0.05 -9.79
C ILE A 100 -0.30 1.39 -9.74
N ASN A 101 0.65 1.70 -10.60
CA ASN A 101 1.25 3.03 -10.63
C ASN A 101 0.31 4.04 -11.21
N PHE A 102 0.38 5.27 -10.71
CA PHE A 102 -0.45 6.37 -11.28
C PHE A 102 0.20 7.70 -11.01
N TYR A 103 -0.13 8.66 -11.89
CA TYR A 103 0.10 10.07 -11.62
C TYR A 103 -1.13 10.86 -12.03
N TYR A 104 -1.85 11.45 -11.06
CA TYR A 104 -3.01 12.34 -11.31
C TYR A 104 -2.49 13.78 -11.28
N HIS A 105 -2.52 14.46 -12.43
N HIS A 105 -2.55 14.46 -12.42
CA HIS A 105 -2.19 15.89 -12.50
CA HIS A 105 -2.21 15.88 -12.53
C HIS A 105 -3.43 16.72 -12.24
C HIS A 105 -3.43 16.73 -12.26
N ALA A 106 -3.44 17.43 -11.11
CA ALA A 106 -4.53 18.32 -10.75
C ALA A 106 -4.36 19.60 -11.57
N THR A 107 -5.43 20.35 -11.70
CA THR A 107 -5.36 21.65 -12.40
C THR A 107 -5.52 22.85 -11.50
N LYS A 108 -6.01 22.64 -10.26
CA LYS A 108 -6.25 23.73 -9.34
C LYS A 108 -5.83 23.35 -7.94
N GLY A 109 -5.10 24.25 -7.30
CA GLY A 109 -4.73 24.10 -5.89
C GLY A 109 -5.91 24.18 -4.97
N CYS A 110 -5.84 23.49 -3.85
CA CYS A 110 -6.77 23.66 -2.75
C CYS A 110 -8.24 23.48 -3.14
N THR A 111 -8.43 22.54 -4.05
CA THR A 111 -9.73 22.27 -4.66
C THR A 111 -9.93 20.75 -4.80
N PRO A 112 -11.06 20.20 -4.34
CA PRO A 112 -11.34 18.82 -4.67
C PRO A 112 -11.64 18.68 -6.16
N GLN A 113 -10.94 17.78 -6.81
CA GLN A 113 -11.19 17.48 -8.23
C GLN A 113 -11.36 15.97 -8.41
N LEU A 114 -12.41 15.63 -9.17
CA LEU A 114 -12.72 14.22 -9.43
C LEU A 114 -11.82 13.60 -10.51
N GLY A 115 -11.63 12.28 -10.39
CA GLY A 115 -10.89 11.53 -11.36
C GLY A 115 -11.08 10.04 -11.09
N HIS A 116 -10.20 9.26 -11.66
CA HIS A 116 -10.25 7.79 -11.60
C HIS A 116 -8.89 7.17 -11.30
N LEU A 117 -8.96 6.05 -10.58
CA LEU A 117 -7.84 5.15 -10.45
C LEU A 117 -7.72 4.34 -11.71
N PRO A 118 -6.49 3.90 -12.04
CA PRO A 118 -6.30 2.96 -13.15
C PRO A 118 -7.17 1.70 -12.99
N ALA A 119 -7.43 1.07 -14.15
CA ALA A 119 -8.27 -0.12 -14.24
C ALA A 119 -7.83 -1.25 -13.31
N SER A 120 -6.51 -1.35 -13.11
CA SER A 120 -5.92 -2.32 -12.20
C SER A 120 -6.54 -2.32 -10.79
N TYR A 121 -7.09 -1.18 -10.34
CA TYR A 121 -7.69 -1.11 -9.02
C TYR A 121 -9.13 -1.66 -8.86
N ASN A 122 -9.74 -2.13 -9.95
CA ASN A 122 -11.10 -2.72 -9.90
C ASN A 122 -12.16 -1.84 -9.24
N TYR A 123 -12.03 -0.52 -9.48
CA TYR A 123 -12.96 0.45 -8.90
C TYR A 123 -13.14 1.53 -9.93
N PRO A 124 -14.14 1.38 -10.82
CA PRO A 124 -14.29 2.40 -11.86
C PRO A 124 -15.08 3.65 -11.45
N LYS A 125 -15.61 3.73 -10.23
CA LYS A 125 -16.32 4.94 -9.81
C LYS A 125 -15.36 6.12 -9.62
N PRO A 126 -15.88 7.34 -9.82
CA PRO A 126 -14.99 8.45 -9.64
C PRO A 126 -14.76 8.75 -8.17
N LEU A 127 -13.63 9.40 -7.89
CA LEU A 127 -13.32 9.84 -6.53
C LEU A 127 -12.52 11.13 -6.62
N THR A 128 -12.40 11.78 -5.47
CA THR A 128 -11.60 13.01 -5.31
C THR A 128 -10.11 12.66 -5.31
N MET A 129 -9.54 12.55 -6.50
CA MET A 129 -8.17 12.14 -6.69
C MET A 129 -7.16 13.11 -6.08
N THR A 130 -7.60 14.35 -5.86
CA THR A 130 -6.78 15.38 -5.21
C THR A 130 -6.64 15.16 -3.70
N ASN A 131 -7.51 14.35 -3.09
CA ASN A 131 -7.59 14.31 -1.65
C ASN A 131 -8.31 13.05 -1.22
N PHE A 132 -7.53 12.01 -0.92
CA PHE A 132 -8.09 10.70 -0.57
C PHE A 132 -7.04 9.83 0.07
N THR A 133 -7.50 8.75 0.69
CA THR A 133 -6.62 7.77 1.35
C THR A 133 -6.98 6.39 0.84
N MET A 134 -5.96 5.58 0.67
CA MET A 134 -6.12 4.23 0.15
C MET A 134 -5.30 3.22 0.93
N LEU A 135 -5.95 2.11 1.27
CA LEU A 135 -5.31 1.01 1.95
C LEU A 135 -5.38 -0.22 1.07
N LEU A 136 -4.24 -0.88 0.80
CA LEU A 136 -4.19 -2.15 0.08
C LEU A 136 -3.56 -3.20 0.97
N TYR A 137 -4.09 -4.41 0.95
CA TYR A 137 -3.48 -5.50 1.75
C TYR A 137 -3.71 -6.85 1.11
N GLY A 138 -2.80 -7.77 1.42
CA GLY A 138 -2.90 -9.14 0.95
C GLY A 138 -1.51 -9.74 1.05
N TYR A 139 -1.12 -10.50 0.03
CA TYR A 139 0.10 -11.26 0.08
C TYR A 139 0.86 -11.13 -1.24
N PHE A 140 2.19 -11.05 -1.15
CA PHE A 140 3.10 -11.04 -2.29
C PHE A 140 3.75 -12.43 -2.37
N ARG A 141 3.67 -13.08 -3.53
CA ARG A 141 4.26 -14.37 -3.74
C ARG A 141 5.34 -14.24 -4.80
N PRO A 142 6.63 -14.38 -4.41
CA PRO A 142 7.67 -14.26 -5.42
C PRO A 142 7.75 -15.44 -6.39
N LYS A 143 8.27 -15.19 -7.57
CA LYS A 143 8.56 -16.22 -8.58
CA LYS A 143 8.55 -16.24 -8.55
C LYS A 143 9.98 -16.73 -8.46
N VAL A 144 10.84 -15.92 -7.87
CA VAL A 144 12.24 -16.30 -7.67
C VAL A 144 12.70 -16.16 -6.22
N THR A 145 13.72 -16.93 -5.85
CA THR A 145 14.32 -16.84 -4.56
C THR A 145 15.53 -15.92 -4.65
N GLY A 146 15.60 -14.95 -3.76
CA GLY A 146 16.73 -14.05 -3.75
C GLY A 146 16.39 -12.65 -3.28
N PHE A 147 17.35 -11.76 -3.41
CA PHE A 147 17.17 -10.37 -2.97
C PHE A 147 16.30 -9.62 -3.97
N HIS A 148 15.18 -9.09 -3.47
CA HIS A 148 14.26 -8.26 -4.22
C HIS A 148 14.44 -6.84 -3.73
N THR A 149 14.55 -5.89 -4.66
CA THR A 149 14.63 -4.50 -4.31
C THR A 149 13.40 -3.77 -4.83
N PHE A 150 12.55 -3.35 -3.91
CA PHE A 150 11.34 -2.62 -4.23
C PHE A 150 11.68 -1.13 -4.18
N THR A 151 11.24 -0.40 -5.20
CA THR A 151 11.39 1.05 -5.22
C THR A 151 10.01 1.67 -5.12
N ILE A 152 9.86 2.65 -4.24
CA ILE A 152 8.58 3.33 -4.10
C ILE A 152 8.77 4.82 -4.15
N SER A 153 7.75 5.49 -4.62
CA SER A 153 7.69 6.95 -4.56
CA SER A 153 7.69 6.95 -4.54
C SER A 153 6.21 7.33 -4.44
N ALA A 154 5.94 8.52 -3.91
CA ALA A 154 4.55 8.94 -3.73
C ALA A 154 4.43 10.45 -3.55
N ASP A 155 3.26 10.91 -3.94
CA ASP A 155 2.73 12.26 -3.65
C ASP A 155 1.31 12.00 -3.15
N ASP A 156 1.03 12.09 -1.85
CA ASP A 156 1.88 12.62 -0.79
C ASP A 156 2.60 11.60 0.02
N LEU A 157 2.04 10.40 0.19
CA LEU A 157 2.71 9.44 1.05
C LEU A 157 2.35 8.03 0.70
N LEU A 158 3.32 7.13 0.87
CA LEU A 158 3.12 5.69 0.68
C LEU A 158 3.94 5.03 1.76
N PHE A 159 3.26 4.35 2.66
CA PHE A 159 3.89 3.55 3.73
C PHE A 159 3.68 2.07 3.49
N VAL A 160 4.76 1.28 3.57
CA VAL A 160 4.73 -0.14 3.22
C VAL A 160 5.13 -1.01 4.41
N ASN A 161 4.31 -2.02 4.74
CA ASN A 161 4.72 -3.08 5.62
C ASN A 161 4.84 -4.34 4.79
N PHE A 162 5.73 -5.22 5.22
CA PHE A 162 6.05 -6.42 4.41
C PHE A 162 6.62 -7.47 5.34
N GLY A 163 5.90 -8.59 5.38
CA GLY A 163 6.32 -9.74 6.20
C GLY A 163 5.30 -10.08 7.26
N ALA A 164 5.25 -11.35 7.65
CA ALA A 164 4.40 -11.72 8.75
C ALA A 164 4.79 -10.99 10.00
N GLY A 165 3.79 -10.55 10.74
CA GLY A 165 4.02 -9.72 11.90
C GLY A 165 4.15 -8.27 11.52
N ASN A 166 5.15 -7.96 10.72
CA ASN A 166 5.34 -6.58 10.34
C ASN A 166 4.14 -5.97 9.64
N ALA A 167 3.51 -6.70 8.73
CA ALA A 167 2.26 -6.30 8.09
C ALA A 167 1.06 -6.82 8.87
N PHE A 168 0.96 -8.14 8.99
CA PHE A 168 -0.10 -8.81 9.72
C PHE A 168 0.25 -10.29 9.83
N ASP A 169 -0.53 -11.04 10.60
CA ASP A 169 -0.17 -12.45 10.89
C ASP A 169 -0.78 -13.35 9.88
N CYS A 170 -0.07 -14.44 9.57
CA CYS A 170 -0.43 -15.38 8.53
C CYS A 170 -1.84 -15.98 8.64
N CYS A 171 -2.70 -15.71 7.66
CA CYS A 171 -4.08 -16.13 7.68
C CYS A 171 -4.77 -15.76 8.98
N ARG A 172 -4.33 -14.65 9.58
CA ARG A 172 -4.92 -14.09 10.80
C ARG A 172 -4.98 -12.57 10.63
N ARG A 173 -5.35 -12.12 9.45
CA ARG A 173 -5.34 -10.69 9.14
C ARG A 173 -6.39 -9.90 9.90
N ASP A 174 -7.61 -10.42 9.98
CA ASP A 174 -8.67 -9.64 10.63
C ASP A 174 -8.32 -9.29 12.06
N SER A 175 -7.75 -10.23 12.81
CA SER A 175 -7.34 -10.04 14.20
C SER A 175 -6.03 -9.27 14.44
N SER A 176 -5.21 -9.07 13.39
CA SER A 176 -3.92 -8.42 13.57
C SER A 176 -3.79 -7.18 12.64
N ALA A 177 -4.87 -6.82 11.93
CA ALA A 177 -4.80 -5.75 10.89
C ALA A 177 -4.31 -4.41 11.43
N ASP A 178 -4.73 -4.07 12.65
CA ASP A 178 -4.38 -2.77 13.22
C ASP A 178 -3.04 -2.77 13.96
N HIS A 179 -2.33 -3.89 13.94
CA HIS A 179 -1.16 -4.06 14.79
C HIS A 179 0.15 -4.25 14.05
N PHE A 180 0.21 -3.71 12.84
CA PHE A 180 1.42 -3.68 12.05
C PHE A 180 2.57 -2.96 12.76
N GLY A 181 3.78 -3.33 12.43
CA GLY A 181 4.95 -2.77 13.00
C GLY A 181 5.48 -1.58 12.26
N ASN A 182 6.69 -1.18 12.60
N ASN A 182 6.71 -1.20 12.59
CA ASN A 182 7.33 -0.08 11.92
CA ASN A 182 7.40 -0.10 11.91
C ASN A 182 7.46 -0.40 10.43
C ASN A 182 7.61 -0.38 10.43
N TYR A 183 7.41 0.64 9.60
CA TYR A 183 7.34 0.46 8.18
C TYR A 183 8.63 -0.08 7.61
N GLN A 184 8.49 -0.98 6.64
CA GLN A 184 9.61 -1.42 5.84
C GLN A 184 10.13 -0.40 4.85
N ALA A 185 9.26 0.48 4.35
CA ALA A 185 9.65 1.52 3.43
C ALA A 185 8.59 2.58 3.50
N TYR A 186 9.00 3.81 3.20
CA TYR A 186 8.07 4.90 3.18
C TYR A 186 8.62 6.02 2.31
N ALA A 187 7.71 6.75 1.71
CA ALA A 187 7.99 7.92 0.90
C ALA A 187 6.99 9.00 1.25
N ILE A 188 7.50 10.20 1.48
CA ILE A 188 6.72 11.37 1.87
C ILE A 188 7.15 12.54 0.97
N TRP A 189 6.21 13.09 0.22
CA TRP A 189 6.48 14.26 -0.59
C TRP A 189 6.88 15.45 0.31
N GLY A 190 7.99 16.07 -0.04
CA GLY A 190 8.53 17.16 0.77
C GLY A 190 9.74 16.77 1.61
N SER A 191 10.06 15.47 1.67
N SER A 191 10.05 15.48 1.64
CA SER A 191 11.32 15.03 2.23
CA SER A 191 11.31 15.03 2.20
C SER A 191 12.44 15.42 1.28
C SER A 191 12.44 15.35 1.23
N LYS A 192 13.67 15.00 1.60
CA LYS A 192 14.81 15.28 0.72
C LYS A 192 14.59 14.65 -0.67
N THR A 193 13.99 13.45 -0.72
CA THR A 193 13.80 12.76 -2.02
C THR A 193 12.45 12.12 -2.42
N ALA A 194 11.54 11.94 -1.47
CA ALA A 194 10.24 11.30 -1.74
C ALA A 194 10.28 9.94 -2.47
N LYS A 195 11.38 9.20 -2.26
CA LYS A 195 11.57 7.87 -2.85
C LYS A 195 12.24 7.01 -1.78
N ASP A 196 12.01 5.71 -1.84
CA ASP A 196 12.63 4.77 -0.91
C ASP A 196 12.85 3.46 -1.58
N GLU A 197 13.82 2.72 -1.07
CA GLU A 197 14.06 1.34 -1.51
C GLU A 197 13.84 0.41 -0.35
N LEU A 198 13.48 -0.79 -0.69
CA LEU A 198 13.45 -1.85 0.29
C LEU A 198 14.06 -3.09 -0.36
N THR A 199 15.17 -3.57 0.21
CA THR A 199 15.75 -4.82 -0.28
C THR A 199 15.48 -5.90 0.75
N VAL A 200 14.77 -6.93 0.32
CA VAL A 200 14.43 -8.06 1.18
C VAL A 200 14.76 -9.36 0.45
N HIS A 201 15.19 -10.35 1.21
CA HIS A 201 15.44 -11.66 0.61
C HIS A 201 14.17 -12.49 0.80
N LEU A 202 13.66 -13.05 -0.31
CA LEU A 202 12.42 -13.80 -0.35
C LEU A 202 12.64 -15.19 -0.95
N ASP A 203 11.76 -16.09 -0.59
CA ASP A 203 11.75 -17.46 -1.08
C ASP A 203 10.62 -17.64 -2.09
N ALA A 204 10.96 -18.22 -3.25
CA ALA A 204 9.96 -18.44 -4.31
C ALA A 204 8.76 -19.24 -3.79
N GLY A 205 7.57 -18.77 -4.13
CA GLY A 205 6.32 -19.48 -3.80
C GLY A 205 5.77 -19.27 -2.40
N VAL A 206 6.53 -18.57 -1.56
CA VAL A 206 6.07 -18.25 -0.21
C VAL A 206 5.17 -17.01 -0.29
N TYR A 207 4.15 -16.98 0.56
CA TYR A 207 3.18 -15.84 0.58
C TYR A 207 3.53 -14.87 1.69
N TYR A 208 3.94 -13.64 1.34
CA TYR A 208 4.36 -12.63 2.30
C TYR A 208 3.28 -11.58 2.53
N PRO A 209 2.76 -11.44 3.77
CA PRO A 209 1.85 -10.33 4.09
C PRO A 209 2.41 -8.98 3.64
N ILE A 210 1.56 -8.18 2.99
CA ILE A 210 1.94 -6.85 2.53
C ILE A 210 0.82 -5.88 2.83
N ARG A 211 1.19 -4.67 3.21
CA ARG A 211 0.23 -3.58 3.44
C ARG A 211 0.80 -2.32 2.78
N LEU A 212 0.01 -1.71 1.91
N LEU A 212 -0.02 -1.67 1.98
CA LEU A 212 0.31 -0.41 1.34
CA LEU A 212 0.34 -0.41 1.37
C LEU A 212 -0.68 0.61 1.85
C LEU A 212 -0.66 0.64 1.74
N PHE A 213 -0.17 1.75 2.29
CA PHE A 213 -1.02 2.81 2.79
C PHE A 213 -0.65 4.11 2.09
N TYR A 214 -1.61 4.69 1.40
CA TYR A 214 -1.38 5.85 0.49
C TYR A 214 -2.27 7.02 0.88
N ASN A 215 -1.76 8.23 0.75
CA ASN A 215 -2.60 9.41 0.88
C ASN A 215 -2.19 10.51 -0.10
N ASN A 216 -3.21 11.22 -0.61
CA ASN A 216 -3.06 12.52 -1.27
C ASN A 216 -3.73 13.55 -0.40
N ARG A 217 -2.99 14.61 -0.06
CA ARG A 217 -3.53 15.70 0.80
C ARG A 217 -4.19 16.82 0.00
N GLU A 218 -3.74 16.97 -1.25
CA GLU A 218 -4.10 18.13 -2.11
C GLU A 218 -3.38 17.99 -3.47
N TYR A 219 -3.99 18.53 -4.52
CA TYR A 219 -3.29 18.70 -5.81
C TYR A 219 -2.88 17.34 -6.40
N ASP A 220 -1.73 17.26 -7.01
CA ASP A 220 -1.30 16.05 -7.70
C ASP A 220 -1.26 14.88 -6.71
N GLY A 221 -1.56 13.71 -7.24
CA GLY A 221 -1.39 12.46 -6.49
C GLY A 221 -0.62 11.48 -7.34
N ALA A 222 0.34 10.76 -6.76
CA ALA A 222 1.14 9.79 -7.51
C ALA A 222 1.56 8.65 -6.59
N LEU A 223 1.62 7.46 -7.18
CA LEU A 223 2.11 6.27 -6.51
C LEU A 223 2.96 5.51 -7.51
N SER A 224 4.18 5.13 -7.11
CA SER A 224 5.00 4.20 -7.90
CA SER A 224 4.98 4.20 -7.90
C SER A 224 5.46 3.07 -6.99
N PHE A 225 5.30 1.83 -7.46
CA PHE A 225 5.65 0.60 -6.71
C PHE A 225 6.13 -0.40 -7.76
N THR A 226 7.44 -0.68 -7.75
CA THR A 226 8.04 -1.58 -8.74
C THR A 226 9.15 -2.35 -8.02
N PHE A 227 9.64 -3.42 -8.63
CA PHE A 227 10.82 -4.09 -8.08
C PHE A 227 11.73 -4.67 -9.14
N LYS A 228 12.95 -4.98 -8.72
CA LYS A 228 13.92 -5.77 -9.48
C LYS A 228 14.43 -6.88 -8.58
N THR A 229 14.96 -7.92 -9.20
CA THR A 229 15.71 -8.96 -8.48
C THR A 229 17.12 -9.01 -9.01
N GLU A 230 17.98 -9.76 -8.34
CA GLU A 230 19.38 -9.87 -8.79
C GLU A 230 19.49 -10.73 -10.04
N SER A 231 18.51 -11.61 -10.23
CA SER A 231 18.48 -12.59 -11.33
C SER A 231 18.25 -12.04 -12.75
N ASN A 232 17.91 -10.75 -12.89
CA ASN A 232 17.92 -10.08 -14.20
C ASN A 232 17.82 -8.56 -14.08
N GLU A 233 17.87 -7.85 -15.20
CA GLU A 233 17.93 -6.39 -15.19
C GLU A 233 16.56 -5.70 -15.42
N ASN A 234 15.50 -6.48 -15.63
CA ASN A 234 14.19 -5.90 -15.93
C ASN A 234 13.48 -5.42 -14.67
N THR A 235 12.85 -4.27 -14.78
CA THR A 235 11.96 -3.75 -13.74
C THR A 235 10.58 -4.38 -13.88
N VAL A 236 10.06 -4.91 -12.78
CA VAL A 236 8.71 -5.42 -12.68
C VAL A 236 7.76 -4.35 -12.14
N SER A 237 6.79 -4.01 -12.98
CA SER A 237 5.74 -3.06 -12.62
C SER A 237 4.32 -3.65 -12.69
N ASP A 238 4.17 -4.85 -13.26
CA ASP A 238 2.91 -5.49 -13.41
C ASP A 238 2.92 -6.64 -12.43
N PHE A 239 2.07 -6.55 -11.41
CA PHE A 239 1.99 -7.52 -10.31
C PHE A 239 0.97 -8.64 -10.48
N SER A 240 0.46 -8.78 -11.71
CA SER A 240 -0.52 -9.82 -12.02
C SER A 240 -0.23 -11.22 -11.50
N GLU A 241 0.97 -11.73 -11.56
N GLU A 241 1.05 -11.61 -11.62
CA GLU A 241 1.04 -13.08 -10.96
CA GLU A 241 1.52 -12.96 -11.17
C GLU A 241 1.87 -13.06 -9.69
C GLU A 241 1.84 -13.06 -9.67
N TYR A 242 1.74 -11.94 -8.95
CA TYR A 242 2.42 -11.78 -7.66
C TYR A 242 1.53 -11.44 -6.49
N PHE A 243 0.41 -10.73 -6.68
CA PHE A 243 -0.47 -10.36 -5.60
C PHE A 243 -1.61 -11.33 -5.41
N PHE A 244 -1.86 -11.71 -4.17
CA PHE A 244 -2.90 -12.69 -3.82
C PHE A 244 -3.63 -12.33 -2.53
N SER A 245 -4.82 -12.88 -2.37
CA SER A 245 -5.55 -12.80 -1.12
C SER A 245 -5.76 -14.23 -0.59
N LEU A 246 -5.76 -14.37 0.71
CA LEU A 246 -6.01 -15.68 1.36
C LEU A 246 -7.03 -15.48 2.44
N ASP A 247 -7.95 -16.45 2.56
CA ASP A 247 -8.85 -16.42 3.71
C ASP A 247 -8.15 -16.62 5.03
N ASP A 248 -8.62 -15.94 6.07
CA ASP A 248 -8.16 -16.19 7.40
C ASP A 248 -8.66 -17.58 7.83
N THR A 249 -7.93 -18.21 8.74
CA THR A 249 -8.38 -19.44 9.40
C THR A 249 -8.21 -19.28 10.89
N GLU A 250 -8.91 -20.11 11.65
CA GLU A 250 -8.83 -20.05 13.09
C GLU A 250 -7.38 -20.26 13.56
N GLU A 251 -6.65 -21.18 12.95
CA GLU A 251 -5.31 -21.54 13.40
C GLU A 251 -4.21 -20.68 12.77
N GLY A 252 -4.53 -19.99 11.68
CA GLY A 252 -3.51 -19.26 10.92
C GLY A 252 -2.72 -20.21 10.02
N CYS A 253 -1.83 -19.64 9.22
CA CYS A 253 -1.07 -20.44 8.25
C CYS A 253 0.41 -20.01 8.21
N PRO A 254 1.07 -20.05 9.39
CA PRO A 254 2.49 -19.68 9.50
C PRO A 254 3.40 -20.59 8.71
N GLY A 255 4.57 -20.08 8.32
CA GLY A 255 5.59 -20.90 7.68
C GLY A 255 6.37 -21.70 8.73
N LEU A 256 7.52 -22.25 8.32
CA LEU A 256 8.42 -22.99 9.21
C LEU A 256 7.66 -23.99 10.10
#